data_4CAG
#
_entry.id   4CAG
#
_cell.length_a   95.780
_cell.length_b   95.780
_cell.length_c   155.650
_cell.angle_alpha   90.00
_cell.angle_beta   90.00
_cell.angle_gamma   90.00
#
_symmetry.space_group_name_H-M   'P 41 21 2'
#
loop_
_entity.id
_entity.type
_entity.pdbx_description
1 polymer 'POLYSACCHARIDE LYASE FAMILY 11 PROTEIN'
2 non-polymer 'CALCIUM ION'
3 non-polymer GLYCEROL
4 water water
#
_entity_poly.entity_id   1
_entity_poly.type   'polypeptide(L)'
_entity_poly.pdbx_seq_one_letter_code
;DGMTAAQARQMESLNRGLVAVKTGNGVFVSWRLLGTEPSSVSFNVYRNGKKLNGSPITSSTNYQDAGGDLNAVYQVRAVL
NGREQAPSESVGVLNKQYKSVPLQKPAGGKTPDGVSYTYSANDASVGDLDGDGQYEIILKWDPSNSKDNSQDGYTGDVLI
DAYKLDGTMMWRINLGKNIRAGAHYTQFLVYDFDGDGKAEIAMKTADGTKDGKGKVIGNANADYRNAQGRILSGPEYLTV
FKGDTGAELTTVNYEPARGNVADWGDSYGNRVDRFLAGVAYLDGERPSFVMARGYYTRTVLVAYNFRGGKLTKLWTFDSD
APGNGAYAGQGNHSLSVADVDGDGKDEIIYGAMAVDHDGKGLYSTGWGHGDAMHTGNLDPSRPGLEVFQVHENSNSPYGL
SFRDAKTGKIIWGVHAGKDVGRGMAADIDPRYEGAEVWANGSLYTAKGVKIGNTLPSSTNFGIWWDGDLQRELLDSNRID
KWDYQNSRTVNLLTASGASANNGTKATPSLQADILGDWREEVVWRAEDSSELRIYTTTDVTEHRMYTLMHDAVYRLGIAW
QNVGYNQPPHTGFYLGEGMQTPEKPNIYTRHHHHHH
;
_entity_poly.pdbx_strand_id   A
#
# COMPACT_ATOMS: atom_id res chain seq x y z
N ALA A 6 -5.18 24.60 -4.37
CA ALA A 6 -6.42 25.11 -4.89
C ALA A 6 -7.32 24.00 -5.44
N GLN A 7 -7.43 22.86 -4.75
CA GLN A 7 -8.20 21.70 -5.27
C GLN A 7 -8.62 20.67 -4.19
N ALA A 8 -9.88 20.26 -4.22
CA ALA A 8 -10.37 19.27 -3.25
C ALA A 8 -10.43 17.92 -3.92
N ARG A 9 -10.00 16.90 -3.19
CA ARG A 9 -9.95 15.56 -3.75
C ARG A 9 -11.04 14.64 -3.18
N GLN A 10 -11.57 13.77 -4.04
CA GLN A 10 -12.51 12.72 -3.61
C GLN A 10 -11.81 11.77 -2.63
N MET A 11 -12.47 11.34 -1.57
CA MET A 11 -11.71 10.64 -0.55
C MET A 11 -12.34 9.54 0.33
N GLU A 12 -13.44 8.93 -0.04
CA GLU A 12 -14.02 7.82 0.78
C GLU A 12 -14.69 8.34 2.05
N SER A 13 -16.00 8.14 2.07
CA SER A 13 -16.80 8.41 3.23
C SER A 13 -16.63 7.29 4.24
N LEU A 14 -16.02 7.59 5.39
CA LEU A 14 -15.75 6.54 6.38
C LEU A 14 -16.57 6.72 7.67
N ASN A 15 -16.90 5.61 8.31
CA ASN A 15 -17.48 5.65 9.64
C ASN A 15 -16.39 6.01 10.68
N ARG A 16 -16.74 6.02 11.97
CA ARG A 16 -15.83 6.50 13.00
C ARG A 16 -14.64 5.57 13.25
N GLY A 17 -14.77 4.32 12.83
CA GLY A 17 -13.70 3.34 12.93
C GLY A 17 -13.41 2.97 14.38
N LEU A 18 -14.42 3.09 15.21
CA LEU A 18 -14.32 2.76 16.63
C LEU A 18 -13.84 1.34 16.85
N VAL A 19 -12.81 1.20 17.69
CA VAL A 19 -12.31 -0.11 18.08
C VAL A 19 -12.03 -0.10 19.59
N ALA A 20 -12.30 -1.22 20.26
CA ALA A 20 -12.02 -1.36 21.69
C ALA A 20 -11.20 -2.64 21.93
N VAL A 21 -10.27 -2.60 22.85
CA VAL A 21 -9.40 -3.74 23.09
C VAL A 21 -9.11 -3.89 24.58
N LYS A 22 -9.31 -5.12 25.06
CA LYS A 22 -9.10 -5.45 26.44
C LYS A 22 -7.63 -5.48 26.67
N THR A 23 -7.23 -4.78 27.73
CA THR A 23 -5.84 -4.68 28.17
C THR A 23 -5.76 -5.09 29.66
N GLY A 24 -4.56 -5.37 30.17
CA GLY A 24 -4.35 -5.39 31.61
C GLY A 24 -4.83 -4.04 32.07
N ASN A 25 -5.69 -4.00 33.09
CA ASN A 25 -6.28 -2.72 33.55
C ASN A 25 -7.16 -1.98 32.52
N GLY A 26 -8.40 -2.47 32.37
CA GLY A 26 -9.46 -1.78 31.63
C GLY A 26 -9.54 -2.18 30.16
N VAL A 27 -10.04 -1.23 29.38
CA VAL A 27 -10.21 -1.39 27.95
C VAL A 27 -9.61 -0.18 27.25
N PHE A 28 -8.90 -0.44 26.15
CA PHE A 28 -8.35 0.62 25.31
C PHE A 28 -9.27 0.93 24.16
N VAL A 29 -9.48 2.21 23.88
CA VAL A 29 -10.38 2.61 22.80
C VAL A 29 -9.72 3.65 21.90
N SER A 30 -9.98 3.59 20.59
CA SER A 30 -9.56 4.65 19.67
C SER A 30 -10.48 4.73 18.47
N TRP A 31 -10.47 5.91 17.84
CA TRP A 31 -11.31 6.17 16.71
C TRP A 31 -10.67 7.17 15.78
N ARG A 32 -11.32 7.33 14.63
CA ARG A 32 -10.84 8.22 13.60
C ARG A 32 -11.18 9.63 13.90
N LEU A 33 -10.27 10.50 13.50
CA LEU A 33 -10.57 11.89 13.22
C LEU A 33 -10.70 12.01 11.69
N LEU A 34 -11.89 12.35 11.23
CA LEU A 34 -12.16 12.36 9.80
C LEU A 34 -11.76 13.68 9.14
N GLY A 35 -11.26 13.58 7.91
CA GLY A 35 -10.83 14.73 7.15
C GLY A 35 -11.96 15.63 6.67
N THR A 36 -13.20 15.22 6.88
CA THR A 36 -14.35 16.07 6.59
C THR A 36 -14.71 16.94 7.82
N GLU A 37 -14.01 16.74 8.93
CA GLU A 37 -14.31 17.45 10.15
C GLU A 37 -13.37 18.64 10.34
N PRO A 38 -13.89 19.73 10.94
CA PRO A 38 -13.07 20.90 11.33
C PRO A 38 -12.09 20.60 12.46
N SER A 39 -11.01 21.34 12.59
CA SER A 39 -10.01 21.00 13.59
C SER A 39 -10.59 21.22 14.97
N SER A 40 -11.68 21.97 15.07
CA SER A 40 -12.30 22.35 16.35
C SER A 40 -13.12 21.24 17.02
N VAL A 41 -13.23 20.10 16.36
CA VAL A 41 -14.06 19.01 16.86
C VAL A 41 -13.47 18.39 18.12
N SER A 42 -14.37 17.84 18.91
CA SER A 42 -14.03 17.15 20.12
C SER A 42 -14.92 15.95 20.31
N PHE A 43 -14.61 15.10 21.29
CA PHE A 43 -15.34 13.84 21.45
C PHE A 43 -15.67 13.52 22.92
N ASN A 44 -16.80 12.82 23.09
CA ASN A 44 -17.17 12.21 24.35
C ASN A 44 -17.27 10.74 24.08
N VAL A 45 -16.76 9.93 25.00
CA VAL A 45 -16.83 8.47 24.85
C VAL A 45 -17.87 7.88 25.82
N TYR A 46 -18.59 6.85 25.39
CA TYR A 46 -19.71 6.28 26.14
C TYR A 46 -19.51 4.78 26.38
N ARG A 47 -19.46 4.40 27.66
CA ARG A 47 -19.41 2.99 28.04
C ARG A 47 -20.80 2.59 28.44
N ASN A 48 -21.28 1.53 27.80
CA ASN A 48 -22.58 0.98 28.11
C ASN A 48 -23.61 2.07 28.20
N GLY A 49 -24.53 1.93 29.15
CA GLY A 49 -25.81 2.61 29.10
C GLY A 49 -25.78 4.09 28.74
N LYS A 50 -25.08 4.47 27.67
CA LYS A 50 -24.94 5.86 27.31
C LYS A 50 -24.42 6.64 28.52
N LYS A 51 -23.30 6.17 29.08
CA LYS A 51 -22.66 6.87 30.20
C LYS A 51 -21.39 7.64 29.76
N LEU A 52 -21.43 8.98 29.94
CA LEU A 52 -20.51 9.93 29.29
C LEU A 52 -19.03 9.70 29.55
N ASN A 53 -18.66 9.03 30.64
CA ASN A 53 -17.27 8.58 30.81
C ASN A 53 -16.16 9.64 30.52
N GLY A 54 -16.00 10.01 29.25
CA GLY A 54 -14.94 10.89 28.79
C GLY A 54 -15.32 12.33 28.99
N SER A 55 -15.64 12.60 30.27
CA SER A 55 -16.24 13.83 30.86
C SER A 55 -16.08 15.22 30.17
N PRO A 56 -14.91 15.91 30.31
CA PRO A 56 -14.73 17.00 29.33
C PRO A 56 -14.70 16.54 27.84
N ILE A 57 -13.60 16.03 27.27
CA ILE A 57 -13.53 15.95 25.79
C ILE A 57 -12.41 15.12 25.06
N THR A 58 -11.40 15.81 24.53
CA THR A 58 -10.55 15.23 23.49
C THR A 58 -9.03 14.97 23.64
N SER A 59 -8.25 16.03 23.29
CA SER A 59 -7.09 16.03 22.35
C SER A 59 -6.22 14.92 21.69
N SER A 60 -6.97 13.96 21.18
CA SER A 60 -6.43 12.77 20.60
C SER A 60 -7.72 12.14 20.14
N THR A 61 -7.64 10.89 19.70
CA THR A 61 -8.84 10.14 19.45
C THR A 61 -8.66 8.74 20.01
N ASN A 62 -8.02 8.68 21.16
CA ASN A 62 -7.97 7.44 21.92
C ASN A 62 -8.32 7.71 23.37
N TYR A 63 -8.76 6.69 24.08
CA TYR A 63 -9.10 6.88 25.47
C TYR A 63 -8.93 5.58 26.26
N GLN A 64 -8.23 5.67 27.39
CA GLN A 64 -8.12 4.50 28.25
C GLN A 64 -9.23 4.43 29.32
N ASP A 65 -10.02 3.36 29.29
CA ASP A 65 -11.11 3.18 30.25
C ASP A 65 -10.82 2.10 31.30
N ALA A 66 -10.53 2.54 32.51
CA ALA A 66 -10.11 1.64 33.57
C ALA A 66 -11.21 0.68 34.03
N GLY A 67 -12.46 1.13 34.02
CA GLY A 67 -13.56 0.31 34.49
C GLY A 67 -14.23 -0.46 33.38
N GLY A 68 -13.47 -0.82 32.36
CA GLY A 68 -14.02 -1.55 31.23
C GLY A 68 -13.78 -3.05 31.29
N ASP A 69 -14.77 -3.80 30.81
CA ASP A 69 -14.71 -5.27 30.78
C ASP A 69 -15.13 -5.83 29.43
N LEU A 70 -14.91 -7.13 29.27
CA LEU A 70 -15.16 -7.82 28.03
C LEU A 70 -16.60 -7.70 27.54
N ASN A 71 -17.54 -7.38 28.45
CA ASN A 71 -18.96 -7.31 28.09
C ASN A 71 -19.42 -5.87 27.83
N ALA A 72 -18.45 -4.95 27.86
CA ALA A 72 -18.75 -3.55 27.60
C ALA A 72 -19.03 -3.25 26.11
N VAL A 73 -19.75 -2.15 25.89
CA VAL A 73 -20.13 -1.72 24.56
C VAL A 73 -19.88 -0.21 24.40
N TYR A 74 -19.17 0.17 23.34
CA TYR A 74 -18.70 1.55 23.23
C TYR A 74 -19.36 2.29 22.08
N GLN A 75 -19.60 3.59 22.34
CA GLN A 75 -20.02 4.54 21.33
C GLN A 75 -19.27 5.83 21.62
N VAL A 76 -19.05 6.65 20.60
CA VAL A 76 -18.40 7.94 20.79
C VAL A 76 -19.27 9.00 20.09
N ARG A 77 -19.26 10.20 20.64
CA ARG A 77 -20.03 11.30 20.09
C ARG A 77 -19.11 12.47 19.80
N ALA A 78 -19.16 12.94 18.55
CA ALA A 78 -18.48 14.17 18.19
C ALA A 78 -19.22 15.37 18.77
N VAL A 79 -18.45 16.38 19.17
CA VAL A 79 -19.00 17.67 19.55
C VAL A 79 -18.62 18.74 18.51
N LEU A 80 -19.64 19.19 17.79
CA LEU A 80 -19.52 20.26 16.83
C LEU A 80 -20.11 21.53 17.43
N ASN A 81 -19.24 22.45 17.82
CA ASN A 81 -19.66 23.71 18.42
C ASN A 81 -20.55 23.46 19.62
N GLY A 82 -19.97 22.85 20.65
CA GLY A 82 -20.65 22.64 21.90
C GLY A 82 -21.92 21.83 21.80
N ARG A 83 -22.13 21.19 20.64
CA ARG A 83 -23.32 20.41 20.42
C ARG A 83 -22.96 18.96 20.02
N GLU A 84 -23.11 18.08 20.98
CA GLU A 84 -22.95 16.63 20.80
C GLU A 84 -23.80 16.14 19.64
N GLN A 85 -23.28 15.17 18.89
CA GLN A 85 -23.90 14.70 17.65
C GLN A 85 -24.43 13.28 17.78
N ALA A 86 -25.05 12.78 16.71
CA ALA A 86 -25.52 11.41 16.70
C ALA A 86 -24.32 10.52 17.01
N PRO A 87 -24.51 9.48 17.84
CA PRO A 87 -23.35 8.65 18.21
C PRO A 87 -22.78 7.86 17.02
N SER A 88 -21.56 7.38 17.17
CA SER A 88 -21.00 6.47 16.19
C SER A 88 -21.76 5.16 16.18
N GLU A 89 -21.25 4.22 15.40
CA GLU A 89 -21.68 2.83 15.51
C GLU A 89 -21.33 2.34 16.92
N SER A 90 -21.84 1.19 17.32
CA SER A 90 -21.52 0.64 18.64
C SER A 90 -20.64 -0.56 18.48
N VAL A 91 -19.66 -0.72 19.38
CA VAL A 91 -18.72 -1.84 19.31
C VAL A 91 -18.50 -2.51 20.65
N GLY A 92 -18.27 -3.82 20.60
CA GLY A 92 -17.83 -4.60 21.74
C GLY A 92 -16.31 -4.56 21.90
N VAL A 93 -15.78 -5.42 22.78
CA VAL A 93 -14.38 -5.36 23.17
C VAL A 93 -13.66 -6.61 22.67
N LEU A 94 -12.48 -6.43 22.11
CA LEU A 94 -11.65 -7.54 21.68
C LEU A 94 -10.81 -8.10 22.84
N ASN A 95 -10.82 -9.41 23.00
CA ASN A 95 -10.15 -10.10 24.10
C ASN A 95 -8.66 -10.37 23.80
N LYS A 96 -8.27 -10.01 22.58
CA LYS A 96 -6.87 -10.04 22.15
C LYS A 96 -6.67 -8.77 21.33
N GLN A 97 -5.41 -8.44 21.07
CA GLN A 97 -5.05 -7.20 20.38
C GLN A 97 -5.20 -7.27 18.83
N TYR A 98 -5.82 -8.34 18.34
CA TYR A 98 -6.12 -8.45 16.91
C TYR A 98 -7.54 -8.94 16.68
N LYS A 99 -8.08 -8.51 15.55
CA LYS A 99 -9.40 -8.94 15.09
C LYS A 99 -9.18 -10.07 14.11
N SER A 100 -9.84 -11.20 14.33
CA SER A 100 -9.72 -12.32 13.42
C SER A 100 -10.72 -12.18 12.25
N VAL A 101 -10.20 -12.31 11.03
CA VAL A 101 -11.00 -12.41 9.82
C VAL A 101 -10.73 -13.79 9.21
N PRO A 102 -11.67 -14.74 9.41
CA PRO A 102 -11.41 -16.10 8.88
C PRO A 102 -11.48 -16.17 7.37
N LEU A 103 -10.61 -16.98 6.77
CA LEU A 103 -10.53 -17.08 5.32
C LEU A 103 -11.12 -18.38 4.81
N GLN A 104 -11.78 -18.31 3.66
CA GLN A 104 -12.13 -19.49 2.91
C GLN A 104 -10.92 -19.88 2.09
N LYS A 105 -9.99 -20.57 2.75
CA LYS A 105 -8.75 -20.99 2.11
C LYS A 105 -8.95 -21.92 0.90
N PRO A 106 -8.47 -21.56 -0.32
CA PRO A 106 -8.65 -22.45 -1.50
C PRO A 106 -7.90 -23.73 -1.34
N ALA A 107 -8.46 -24.82 -1.88
CA ALA A 107 -7.82 -26.12 -1.81
C ALA A 107 -6.66 -26.18 -2.81
N GLY A 108 -5.66 -27.03 -2.56
CA GLY A 108 -4.51 -27.11 -3.44
C GLY A 108 -4.87 -27.77 -4.74
N GLY A 109 -3.88 -28.05 -5.58
CA GLY A 109 -4.16 -28.65 -6.88
C GLY A 109 -2.91 -29.20 -7.51
N LYS A 110 -3.00 -29.50 -8.80
CA LYS A 110 -1.88 -30.04 -9.55
C LYS A 110 -1.78 -29.28 -10.86
N THR A 111 -0.54 -28.96 -11.23
CA THR A 111 -0.26 -28.35 -12.52
C THR A 111 0.02 -29.47 -13.55
N PRO A 112 0.04 -29.12 -14.85
CA PRO A 112 0.48 -30.05 -15.90
C PRO A 112 1.84 -30.70 -15.52
N ASP A 113 2.85 -29.85 -15.26
CA ASP A 113 4.00 -30.14 -14.37
C ASP A 113 3.87 -31.51 -13.72
N GLY A 114 2.69 -31.76 -13.17
CA GLY A 114 2.38 -32.96 -12.45
C GLY A 114 2.55 -32.67 -10.98
N VAL A 115 3.30 -31.61 -10.64
CA VAL A 115 3.53 -31.25 -9.24
C VAL A 115 2.24 -30.85 -8.49
N SER A 116 2.26 -31.02 -7.17
CA SER A 116 1.17 -30.57 -6.33
C SER A 116 1.52 -29.17 -5.81
N TYR A 117 0.54 -28.43 -5.33
CA TYR A 117 0.79 -27.11 -4.77
C TYR A 117 -0.36 -26.76 -3.86
N THR A 118 -0.07 -25.92 -2.87
CA THR A 118 -1.08 -25.34 -1.97
C THR A 118 -1.05 -23.81 -2.02
N TYR A 119 -2.04 -23.19 -1.38
CA TYR A 119 -2.14 -21.73 -1.32
C TYR A 119 -1.78 -21.14 0.05
N SER A 120 -1.29 -19.90 0.08
CA SER A 120 -1.18 -19.12 1.33
C SER A 120 -1.67 -17.72 1.07
N ALA A 121 -2.30 -17.11 2.06
CA ALA A 121 -2.70 -15.70 1.95
C ALA A 121 -1.47 -14.78 1.68
N ASN A 122 -1.53 -13.98 0.63
CA ASN A 122 -0.40 -13.17 0.20
C ASN A 122 -0.81 -11.69 0.31
N ASP A 123 -0.46 -10.89 -0.69
CA ASP A 123 -0.64 -9.45 -0.62
C ASP A 123 -2.09 -9.11 -0.55
N ALA A 124 -2.41 -8.06 0.20
CA ALA A 124 -3.79 -7.56 0.31
C ALA A 124 -3.90 -6.09 -0.08
N SER A 125 -5.13 -5.64 -0.28
CA SER A 125 -5.48 -4.21 -0.32
C SER A 125 -6.78 -4.02 0.47
N VAL A 126 -7.28 -2.79 0.53
CA VAL A 126 -8.57 -2.47 1.14
C VAL A 126 -9.36 -1.49 0.28
N GLY A 127 -10.68 -1.53 0.44
CA GLY A 127 -11.60 -0.62 -0.22
C GLY A 127 -12.98 -0.77 0.43
N ASP A 128 -13.84 0.22 0.25
CA ASP A 128 -15.24 0.14 0.69
C ASP A 128 -16.09 -0.34 -0.50
N LEU A 129 -16.26 -1.65 -0.57
CA LEU A 129 -16.90 -2.33 -1.69
C LEU A 129 -18.45 -2.20 -1.76
N ASP A 130 -19.08 -2.00 -0.60
CA ASP A 130 -20.55 -1.93 -0.54
C ASP A 130 -21.06 -0.59 -0.04
N GLY A 131 -20.18 0.24 0.51
CA GLY A 131 -20.54 1.62 0.82
C GLY A 131 -21.01 1.86 2.24
N ASP A 132 -20.69 0.94 3.15
CA ASP A 132 -21.14 1.05 4.53
C ASP A 132 -20.17 1.85 5.42
N GLY A 133 -19.09 2.37 4.84
CA GLY A 133 -18.18 3.23 5.59
C GLY A 133 -17.08 2.49 6.36
N GLN A 134 -16.96 1.18 6.10
CA GLN A 134 -15.94 0.33 6.72
C GLN A 134 -15.18 -0.44 5.60
N TYR A 135 -13.88 -0.64 5.74
CA TYR A 135 -13.11 -1.29 4.69
C TYR A 135 -13.34 -2.79 4.61
N GLU A 136 -13.41 -3.31 3.39
CA GLU A 136 -13.21 -4.76 3.15
C GLU A 136 -11.74 -5.04 2.82
N ILE A 137 -11.33 -6.29 2.93
CA ILE A 137 -10.01 -6.70 2.59
C ILE A 137 -10.13 -7.54 1.33
N ILE A 138 -9.44 -7.08 0.29
CA ILE A 138 -9.31 -7.77 -0.98
C ILE A 138 -7.98 -8.47 -0.89
N LEU A 139 -7.98 -9.80 -0.99
CA LEU A 139 -6.79 -10.59 -0.70
C LEU A 139 -6.36 -11.43 -1.87
N LYS A 140 -5.07 -11.35 -2.21
CA LYS A 140 -4.52 -12.20 -3.25
C LYS A 140 -3.99 -13.50 -2.63
N TRP A 141 -4.38 -14.63 -3.21
CA TRP A 141 -3.90 -15.94 -2.79
C TRP A 141 -2.72 -16.33 -3.67
N ASP A 142 -1.63 -16.80 -3.03
CA ASP A 142 -0.46 -17.24 -3.78
C ASP A 142 -0.25 -18.78 -3.75
N PRO A 143 -0.11 -19.38 -4.94
CA PRO A 143 0.18 -20.81 -4.95
C PRO A 143 1.67 -21.05 -4.64
N SER A 144 1.97 -22.18 -4.02
CA SER A 144 3.30 -22.47 -3.50
C SER A 144 4.31 -22.68 -4.63
N ASN A 145 3.82 -22.79 -5.88
CA ASN A 145 4.70 -22.86 -7.05
C ASN A 145 4.76 -21.54 -7.80
N SER A 146 4.38 -20.43 -7.16
CA SER A 146 4.49 -19.12 -7.86
C SER A 146 5.97 -18.89 -8.26
N LYS A 147 6.17 -18.11 -9.31
CA LYS A 147 7.48 -17.98 -9.95
C LYS A 147 7.87 -16.53 -10.15
N ASP A 148 9.13 -16.26 -9.84
CA ASP A 148 9.79 -15.09 -10.35
C ASP A 148 9.90 -15.18 -11.90
N ASN A 149 9.96 -14.03 -12.54
CA ASN A 149 10.11 -13.93 -13.98
C ASN A 149 11.28 -14.70 -14.57
N SER A 150 12.36 -14.88 -13.81
CA SER A 150 13.51 -15.54 -14.38
C SER A 150 13.48 -17.08 -14.15
N GLN A 151 12.48 -17.60 -13.44
CA GLN A 151 12.39 -19.04 -13.20
C GLN A 151 11.33 -19.63 -14.14
N ASP A 152 11.72 -20.64 -14.94
CA ASP A 152 10.78 -21.53 -15.65
C ASP A 152 9.87 -22.28 -14.66
N GLY A 153 8.68 -22.69 -15.10
CA GLY A 153 7.82 -23.53 -14.27
C GLY A 153 6.34 -23.17 -14.35
N TYR A 154 5.47 -24.18 -14.22
CA TYR A 154 4.03 -23.97 -14.20
C TYR A 154 3.56 -23.39 -12.85
N THR A 155 2.56 -22.49 -12.88
CA THR A 155 2.01 -21.92 -11.65
C THR A 155 0.51 -22.16 -11.49
N GLY A 156 0.05 -22.30 -10.25
CA GLY A 156 -1.37 -22.50 -9.99
C GLY A 156 -2.13 -21.20 -10.22
N ASP A 157 -3.46 -21.29 -10.28
CA ASP A 157 -4.31 -20.15 -10.59
C ASP A 157 -4.12 -19.09 -9.53
N VAL A 158 -4.10 -17.82 -9.94
CA VAL A 158 -4.15 -16.73 -8.97
C VAL A 158 -5.61 -16.46 -8.59
N LEU A 159 -5.92 -16.39 -7.29
CA LEU A 159 -7.27 -16.11 -6.83
C LEU A 159 -7.29 -14.87 -5.96
N ILE A 160 -8.35 -14.08 -6.10
CA ILE A 160 -8.51 -12.86 -5.32
C ILE A 160 -9.89 -12.89 -4.65
N ASP A 161 -9.93 -12.72 -3.33
CA ASP A 161 -11.15 -12.78 -2.55
C ASP A 161 -11.43 -11.43 -2.03
N ALA A 162 -12.70 -11.18 -1.74
CA ALA A 162 -13.09 -10.05 -0.91
C ALA A 162 -13.74 -10.55 0.39
N TYR A 163 -13.38 -9.94 1.52
CA TYR A 163 -13.90 -10.32 2.82
C TYR A 163 -14.31 -9.07 3.60
N LYS A 164 -15.49 -9.09 4.21
CA LYS A 164 -15.78 -8.13 5.29
C LYS A 164 -14.98 -8.48 6.55
N LEU A 165 -14.88 -7.52 7.46
CA LEU A 165 -14.15 -7.71 8.70
C LEU A 165 -14.78 -8.79 9.59
N ASP A 166 -16.05 -9.10 9.37
CA ASP A 166 -16.70 -10.16 10.15
C ASP A 166 -16.46 -11.56 9.56
N GLY A 167 -15.65 -11.66 8.50
CA GLY A 167 -15.39 -12.94 7.88
C GLY A 167 -16.30 -13.27 6.69
N THR A 168 -17.29 -12.43 6.43
CA THR A 168 -18.18 -12.62 5.25
C THR A 168 -17.42 -12.60 3.93
N MET A 169 -17.34 -13.72 3.24
CA MET A 169 -16.69 -13.74 1.92
C MET A 169 -17.59 -13.26 0.76
N MET A 170 -17.33 -12.08 0.22
CA MET A 170 -18.25 -11.49 -0.75
C MET A 170 -18.18 -12.10 -2.16
N TRP A 171 -16.98 -12.50 -2.55
CA TRP A 171 -16.73 -13.15 -3.84
C TRP A 171 -15.31 -13.62 -3.96
N ARG A 172 -15.09 -14.45 -4.98
CA ARG A 172 -13.77 -14.87 -5.40
C ARG A 172 -13.66 -14.67 -6.93
N ILE A 173 -12.55 -14.07 -7.34
CA ILE A 173 -12.18 -13.97 -8.75
C ILE A 173 -11.03 -14.94 -8.95
N ASN A 174 -11.05 -15.70 -10.06
CA ASN A 174 -9.95 -16.59 -10.45
C ASN A 174 -9.35 -16.07 -11.76
N LEU A 175 -8.06 -15.74 -11.74
CA LEU A 175 -7.47 -15.07 -12.90
C LEU A 175 -7.23 -16.06 -14.01
N GLY A 176 -7.17 -17.34 -13.66
CA GLY A 176 -7.07 -18.38 -14.65
C GLY A 176 -5.67 -18.70 -15.16
N LYS A 177 -5.63 -19.69 -16.04
CA LYS A 177 -4.40 -20.39 -16.32
C LYS A 177 -3.46 -19.54 -17.15
N ASN A 178 -3.99 -18.48 -17.73
CA ASN A 178 -3.20 -17.60 -18.62
C ASN A 178 -2.65 -16.35 -17.94
N ILE A 179 -2.82 -16.32 -16.61
CA ILE A 179 -2.13 -15.34 -15.77
C ILE A 179 -1.17 -16.10 -14.85
N ARG A 180 0.12 -15.91 -15.11
CA ARG A 180 1.14 -16.55 -14.31
C ARG A 180 1.12 -15.98 -12.88
N ALA A 181 1.36 -16.84 -11.89
CA ALA A 181 1.41 -16.42 -10.48
C ALA A 181 2.84 -16.01 -10.15
N GLY A 182 3.01 -14.92 -9.41
CA GLY A 182 4.34 -14.37 -9.15
C GLY A 182 4.27 -12.88 -8.89
N ALA A 183 5.30 -12.37 -8.24
CA ALA A 183 5.26 -11.03 -7.68
C ALA A 183 5.10 -9.92 -8.72
N HIS A 184 5.64 -10.14 -9.92
CA HIS A 184 5.73 -9.09 -10.93
C HIS A 184 4.64 -9.19 -11.99
N TYR A 185 3.75 -10.21 -11.82
CA TYR A 185 2.59 -10.39 -12.72
C TYR A 185 1.35 -9.58 -12.23
N THR A 186 0.41 -10.21 -11.56
CA THR A 186 -0.80 -9.47 -11.21
C THR A 186 -0.48 -8.32 -10.23
N GLN A 187 -0.83 -7.10 -10.64
CA GLN A 187 -0.84 -5.92 -9.76
C GLN A 187 -2.29 -5.41 -9.70
N PHE A 188 -2.93 -5.44 -8.54
CA PHE A 188 -4.35 -5.16 -8.47
C PHE A 188 -4.62 -3.88 -7.75
N LEU A 189 -5.48 -3.05 -8.35
CA LEU A 189 -5.86 -1.72 -7.81
C LEU A 189 -7.30 -1.67 -7.27
N VAL A 190 -7.44 -1.41 -5.97
CA VAL A 190 -8.76 -1.24 -5.35
C VAL A 190 -9.00 0.25 -5.05
N TYR A 191 -9.99 0.83 -5.74
CA TYR A 191 -10.34 2.26 -5.55
C TYR A 191 -11.74 2.55 -6.08
N ASP A 192 -12.36 3.58 -5.55
CA ASP A 192 -13.60 4.12 -6.11
C ASP A 192 -13.26 5.08 -7.29
N PHE A 193 -13.14 4.49 -8.48
CA PHE A 193 -12.70 5.26 -9.65
C PHE A 193 -13.78 6.19 -10.20
N ASP A 194 -15.03 5.73 -10.17
CA ASP A 194 -16.10 6.47 -10.82
C ASP A 194 -16.71 7.52 -9.87
N GLY A 195 -16.43 7.44 -8.58
CA GLY A 195 -16.99 8.39 -7.63
C GLY A 195 -18.37 8.00 -7.10
N ASP A 196 -18.82 6.77 -7.34
CA ASP A 196 -20.15 6.40 -6.86
C ASP A 196 -20.19 6.07 -5.34
N GLY A 197 -19.05 6.20 -4.65
CA GLY A 197 -18.98 5.89 -3.24
C GLY A 197 -18.66 4.44 -2.87
N LYS A 198 -18.59 3.55 -3.86
CA LYS A 198 -18.05 2.19 -3.66
C LYS A 198 -16.79 1.97 -4.52
N ALA A 199 -15.94 1.02 -4.11
CA ALA A 199 -14.69 0.73 -4.82
C ALA A 199 -14.84 -0.33 -5.94
N GLU A 200 -14.07 -0.13 -7.02
CA GLU A 200 -13.94 -1.08 -8.10
C GLU A 200 -12.55 -1.71 -7.96
N ILE A 201 -12.34 -2.84 -8.66
CA ILE A 201 -11.03 -3.47 -8.75
C ILE A 201 -10.57 -3.48 -10.20
N ALA A 202 -9.34 -3.05 -10.44
CA ALA A 202 -8.75 -3.05 -11.78
C ALA A 202 -7.47 -3.88 -11.79
N MET A 203 -7.33 -4.76 -12.78
CA MET A 203 -6.12 -5.55 -12.93
C MET A 203 -6.09 -6.21 -14.28
N LYS A 204 -4.95 -6.78 -14.63
CA LYS A 204 -4.73 -7.41 -15.94
C LYS A 204 -5.33 -8.80 -15.97
N THR A 205 -6.10 -9.06 -17.03
CA THR A 205 -6.81 -10.34 -17.17
C THR A 205 -6.45 -11.03 -18.49
N ALA A 206 -7.11 -12.15 -18.75
CA ALA A 206 -6.81 -12.99 -19.91
C ALA A 206 -7.98 -13.89 -20.26
N ASP A 207 -7.91 -14.52 -21.44
CA ASP A 207 -8.81 -15.59 -21.76
C ASP A 207 -8.94 -16.46 -20.53
N GLY A 208 -10.16 -16.65 -20.06
CA GLY A 208 -10.41 -17.66 -19.04
C GLY A 208 -10.40 -17.13 -17.60
N THR A 209 -10.30 -15.83 -17.38
CA THR A 209 -10.44 -15.38 -16.00
C THR A 209 -11.92 -15.40 -15.72
N LYS A 210 -12.25 -15.79 -14.49
CA LYS A 210 -13.62 -16.03 -14.07
C LYS A 210 -13.97 -15.00 -13.02
N ASP A 211 -14.97 -14.19 -13.29
CA ASP A 211 -15.33 -13.14 -12.37
C ASP A 211 -16.07 -13.66 -11.12
N GLY A 212 -16.51 -12.73 -10.27
CA GLY A 212 -17.08 -13.09 -8.99
C GLY A 212 -18.45 -13.75 -9.10
N LYS A 213 -19.03 -13.69 -10.30
CA LYS A 213 -20.35 -14.29 -10.56
C LYS A 213 -20.19 -15.50 -11.46
N GLY A 214 -18.93 -15.85 -11.74
CA GLY A 214 -18.61 -17.05 -12.48
C GLY A 214 -18.48 -16.83 -13.97
N LYS A 215 -18.69 -15.60 -14.44
CA LYS A 215 -18.69 -15.36 -15.88
C LYS A 215 -17.25 -15.34 -16.38
N VAL A 216 -17.01 -16.16 -17.39
CA VAL A 216 -15.69 -16.26 -17.99
C VAL A 216 -15.44 -15.11 -18.96
N ILE A 217 -14.24 -14.56 -18.87
CA ILE A 217 -13.82 -13.57 -19.84
C ILE A 217 -13.09 -14.26 -20.99
N GLY A 218 -13.60 -14.10 -22.21
CA GLY A 218 -12.91 -14.65 -23.37
C GLY A 218 -13.12 -16.14 -23.51
N ASN A 219 -12.08 -16.82 -23.99
CA ASN A 219 -12.17 -18.24 -24.28
C ASN A 219 -11.72 -19.11 -23.08
N ALA A 220 -12.70 -19.79 -22.49
CA ALA A 220 -12.47 -20.77 -21.45
C ALA A 220 -11.64 -22.00 -21.88
N ASN A 221 -11.36 -22.14 -23.17
CA ASN A 221 -10.62 -23.31 -23.66
C ASN A 221 -9.27 -22.94 -24.22
N ALA A 222 -8.89 -21.66 -24.16
CA ALA A 222 -7.55 -21.25 -24.61
C ALA A 222 -6.48 -21.60 -23.56
N ASP A 223 -5.38 -22.20 -24.02
CA ASP A 223 -4.28 -22.50 -23.14
C ASP A 223 -3.05 -22.02 -23.84
N TYR A 224 -2.63 -20.80 -23.49
CA TYR A 224 -1.43 -20.21 -24.04
C TYR A 224 -0.20 -20.46 -23.15
N ARG A 225 -0.32 -21.34 -22.15
CA ARG A 225 0.88 -21.72 -21.38
C ARG A 225 1.82 -22.58 -22.18
N ASN A 226 3.06 -22.10 -22.39
CA ASN A 226 4.09 -22.91 -23.01
C ASN A 226 4.71 -23.94 -22.04
N ALA A 227 5.65 -24.73 -22.55
CA ALA A 227 6.22 -25.85 -21.81
C ALA A 227 7.05 -25.41 -20.60
N GLN A 228 7.42 -24.13 -20.56
CA GLN A 228 8.17 -23.58 -19.42
C GLN A 228 7.23 -22.90 -18.44
N GLY A 229 5.92 -23.00 -18.66
CA GLY A 229 4.94 -22.48 -17.71
C GLY A 229 4.74 -20.97 -17.83
N ARG A 230 5.16 -20.44 -18.99
CA ARG A 230 5.02 -19.02 -19.29
C ARG A 230 3.95 -18.77 -20.35
N ILE A 231 3.35 -17.58 -20.31
CA ILE A 231 2.34 -17.19 -21.27
C ILE A 231 2.92 -16.07 -22.08
N LEU A 232 3.39 -16.40 -23.28
CA LEU A 232 4.09 -15.47 -24.15
C LEU A 232 3.37 -15.34 -25.48
N SER A 233 2.10 -15.75 -25.51
CA SER A 233 1.30 -15.66 -26.71
C SER A 233 -0.18 -15.39 -26.35
N GLY A 234 -0.99 -15.02 -27.33
CA GLY A 234 -2.41 -14.91 -27.07
C GLY A 234 -2.77 -13.51 -26.59
N PRO A 235 -4.05 -13.19 -26.57
CA PRO A 235 -4.41 -11.80 -26.28
C PRO A 235 -4.33 -11.45 -24.78
N GLU A 236 -4.33 -10.16 -24.48
CA GLU A 236 -4.13 -9.68 -23.13
C GLU A 236 -5.12 -8.55 -22.81
N TYR A 237 -5.68 -8.65 -21.62
CA TYR A 237 -6.82 -7.83 -21.26
C TYR A 237 -6.62 -7.00 -20.00
N LEU A 238 -7.37 -5.91 -19.95
CA LEU A 238 -7.44 -5.06 -18.79
C LEU A 238 -8.90 -4.95 -18.34
N THR A 239 -9.17 -5.27 -17.09
CA THR A 239 -10.55 -5.36 -16.65
C THR A 239 -10.80 -4.61 -15.36
N VAL A 240 -11.90 -3.87 -15.31
CA VAL A 240 -12.40 -3.44 -14.02
C VAL A 240 -13.65 -4.21 -13.63
N PHE A 241 -13.62 -4.72 -12.40
CA PHE A 241 -14.73 -5.45 -11.81
C PHE A 241 -15.42 -4.57 -10.75
N LYS A 242 -16.70 -4.87 -10.53
CA LYS A 242 -17.53 -4.21 -9.53
C LYS A 242 -17.22 -4.73 -8.12
N GLY A 243 -17.12 -3.80 -7.20
CA GLY A 243 -16.66 -4.11 -5.85
C GLY A 243 -17.49 -5.09 -5.05
N ASP A 244 -18.82 -4.90 -5.00
CA ASP A 244 -19.62 -5.72 -4.06
C ASP A 244 -19.83 -7.15 -4.56
N THR A 245 -19.63 -7.36 -5.86
CA THR A 245 -20.00 -8.63 -6.49
C THR A 245 -18.84 -9.31 -7.18
N GLY A 246 -17.83 -8.54 -7.58
CA GLY A 246 -16.73 -9.04 -8.39
C GLY A 246 -17.06 -9.23 -9.88
N ALA A 247 -18.18 -8.70 -10.34
CA ALA A 247 -18.59 -8.95 -11.73
C ALA A 247 -17.80 -8.07 -12.72
N GLU A 248 -17.51 -8.62 -13.90
CA GLU A 248 -16.93 -7.80 -14.95
C GLU A 248 -17.81 -6.56 -15.20
N LEU A 249 -17.18 -5.40 -15.28
CA LEU A 249 -17.88 -4.21 -15.70
C LEU A 249 -17.50 -3.92 -17.15
N THR A 250 -16.20 -3.86 -17.44
CA THR A 250 -15.74 -3.60 -18.78
C THR A 250 -14.33 -4.19 -18.93
N THR A 251 -14.08 -4.77 -20.11
CA THR A 251 -12.77 -5.28 -20.45
C THR A 251 -12.24 -4.66 -21.76
N VAL A 252 -11.02 -4.14 -21.74
CA VAL A 252 -10.39 -3.67 -22.96
C VAL A 252 -9.05 -4.39 -23.16
N ASN A 253 -8.34 -4.03 -24.22
CA ASN A 253 -7.06 -4.63 -24.50
C ASN A 253 -5.99 -4.02 -23.63
N TYR A 254 -5.20 -4.88 -23.02
CA TYR A 254 -4.05 -4.43 -22.22
C TYR A 254 -3.11 -3.74 -23.19
N GLU A 255 -2.59 -2.58 -22.77
CA GLU A 255 -1.58 -1.86 -23.54
C GLU A 255 -0.41 -1.52 -22.62
N PRO A 256 0.83 -1.61 -23.14
CA PRO A 256 1.08 -2.21 -24.46
C PRO A 256 0.96 -3.75 -24.46
N ALA A 257 0.60 -4.33 -25.59
CA ALA A 257 0.67 -5.79 -25.74
C ALA A 257 2.13 -6.17 -25.79
N ARG A 258 2.39 -7.46 -25.65
CA ARG A 258 3.80 -7.94 -25.60
C ARG A 258 4.50 -7.74 -26.93
N GLY A 259 3.82 -8.05 -28.02
CA GLY A 259 4.42 -7.98 -29.35
C GLY A 259 5.54 -9.00 -29.46
N ASN A 260 6.64 -8.61 -30.12
CA ASN A 260 7.85 -9.43 -30.12
C ASN A 260 8.53 -9.36 -28.74
N VAL A 261 8.40 -10.45 -27.98
CA VAL A 261 9.03 -10.59 -26.66
C VAL A 261 10.50 -10.20 -26.62
N ALA A 262 11.25 -10.59 -27.66
CA ALA A 262 12.69 -10.28 -27.72
C ALA A 262 12.99 -8.79 -27.81
N ASP A 263 12.05 -8.00 -28.33
CA ASP A 263 12.24 -6.55 -28.30
C ASP A 263 12.33 -5.98 -26.89
N TRP A 264 11.90 -6.74 -25.89
CA TRP A 264 11.99 -6.24 -24.51
C TRP A 264 13.36 -6.51 -23.87
N GLY A 265 14.16 -7.38 -24.49
CA GLY A 265 15.55 -7.54 -24.07
C GLY A 265 15.93 -8.95 -23.69
N ASP A 266 14.98 -9.88 -23.79
CA ASP A 266 15.31 -11.30 -23.67
C ASP A 266 14.21 -12.11 -24.37
N SER A 267 14.50 -13.34 -24.70
CA SER A 267 13.56 -14.13 -25.50
C SER A 267 12.81 -15.08 -24.62
N TYR A 268 13.22 -15.20 -23.36
CA TYR A 268 12.69 -16.26 -22.48
C TYR A 268 11.55 -15.79 -21.53
N GLY A 269 11.19 -14.50 -21.61
CA GLY A 269 9.99 -14.02 -20.94
C GLY A 269 10.20 -13.41 -19.56
N ASN A 270 11.34 -12.74 -19.37
CA ASN A 270 11.62 -12.09 -18.12
C ASN A 270 11.23 -10.62 -18.20
N ARG A 271 11.96 -9.86 -19.00
CA ARG A 271 11.81 -8.40 -18.99
C ARG A 271 10.41 -7.93 -19.39
N VAL A 272 9.80 -8.70 -20.30
CA VAL A 272 8.51 -8.37 -20.89
C VAL A 272 7.37 -8.41 -19.88
N ASP A 273 7.47 -9.29 -18.86
CA ASP A 273 6.36 -9.43 -17.91
C ASP A 273 6.63 -8.77 -16.56
N ARG A 274 7.39 -7.68 -16.58
CA ARG A 274 7.62 -6.88 -15.38
C ARG A 274 6.55 -5.76 -15.30
N PHE A 275 5.62 -5.93 -14.38
CA PHE A 275 4.45 -5.07 -14.31
C PHE A 275 4.41 -4.28 -13.03
N LEU A 276 3.78 -3.11 -13.11
CA LEU A 276 3.48 -2.30 -11.95
C LEU A 276 2.14 -1.64 -12.20
N ALA A 277 1.59 -1.00 -11.18
CA ALA A 277 0.34 -0.27 -11.32
C ALA A 277 0.15 0.72 -10.18
N GLY A 278 -0.71 1.71 -10.40
CA GLY A 278 -0.91 2.74 -9.42
C GLY A 278 -2.11 3.61 -9.66
N VAL A 279 -2.75 4.00 -8.55
CA VAL A 279 -3.83 4.96 -8.58
C VAL A 279 -3.23 6.33 -8.48
N ALA A 280 -3.72 7.26 -9.30
CA ALA A 280 -3.22 8.65 -9.29
C ALA A 280 -4.27 9.70 -9.64
N TYR A 281 -4.32 10.78 -8.87
CA TYR A 281 -5.26 11.87 -9.18
C TYR A 281 -4.61 12.80 -10.20
N LEU A 282 -4.69 12.41 -11.46
CA LEU A 282 -4.12 13.19 -12.56
C LEU A 282 -4.91 14.50 -12.80
N ASP A 283 -6.23 14.41 -12.59
CA ASP A 283 -7.17 15.54 -12.45
C ASP A 283 -6.77 16.58 -11.44
N GLY A 284 -6.12 16.14 -10.36
CA GLY A 284 -6.05 16.93 -9.15
C GLY A 284 -7.30 16.81 -8.26
N GLU A 285 -8.34 16.14 -8.76
CA GLU A 285 -9.64 16.14 -8.10
C GLU A 285 -10.17 14.71 -7.90
N ARG A 286 -10.16 13.95 -8.99
CA ARG A 286 -10.63 12.55 -9.01
C ARG A 286 -9.57 11.50 -9.37
N PRO A 287 -9.80 10.25 -8.92
CA PRO A 287 -8.74 9.27 -9.18
C PRO A 287 -8.72 8.78 -10.63
N SER A 288 -7.51 8.60 -11.14
CA SER A 288 -7.25 7.79 -12.33
C SER A 288 -6.50 6.54 -11.85
N PHE A 289 -6.12 5.67 -12.78
CA PHE A 289 -5.07 4.68 -12.50
C PHE A 289 -4.08 4.56 -13.69
N VAL A 290 -2.89 4.07 -13.37
CA VAL A 290 -1.84 3.82 -14.38
C VAL A 290 -1.48 2.35 -14.35
N MET A 291 -1.41 1.73 -15.52
CA MET A 291 -0.93 0.36 -15.67
C MET A 291 0.41 0.44 -16.37
N ALA A 292 1.43 -0.19 -15.79
CA ALA A 292 2.79 -0.06 -16.29
C ALA A 292 3.36 -1.43 -16.69
N ARG A 293 4.18 -1.43 -17.75
CA ARG A 293 4.83 -2.62 -18.24
C ARG A 293 6.28 -2.24 -18.60
N GLY A 294 7.23 -2.88 -17.92
CA GLY A 294 8.63 -2.73 -18.24
C GLY A 294 9.35 -1.78 -17.28
N TYR A 295 10.57 -2.13 -16.95
CA TYR A 295 11.43 -1.16 -16.28
C TYR A 295 12.91 -1.37 -16.50
N TYR A 296 13.38 -2.59 -16.79
CA TYR A 296 14.82 -2.80 -16.99
C TYR A 296 15.21 -2.12 -18.27
N THR A 297 14.18 -1.90 -19.06
CA THR A 297 14.30 -1.85 -20.50
C THR A 297 13.31 -0.80 -21.07
N ARG A 298 12.64 -1.12 -22.19
CA ARG A 298 11.46 -0.38 -22.62
C ARG A 298 10.47 -0.27 -21.49
N THR A 299 9.99 0.94 -21.23
CA THR A 299 9.19 1.24 -20.08
C THR A 299 7.98 2.04 -20.56
N VAL A 300 6.80 1.48 -20.32
CA VAL A 300 5.60 2.08 -20.82
C VAL A 300 4.57 2.22 -19.67
N LEU A 301 4.07 3.45 -19.50
CA LEU A 301 2.98 3.75 -18.58
C LEU A 301 1.75 4.20 -19.39
N VAL A 302 0.60 3.66 -19.01
CA VAL A 302 -0.65 3.95 -19.68
C VAL A 302 -1.70 4.31 -18.63
N ALA A 303 -2.27 5.51 -18.76
CA ALA A 303 -3.22 6.02 -17.78
C ALA A 303 -4.66 5.92 -18.26
N TYR A 304 -5.57 5.70 -17.30
CA TYR A 304 -6.98 5.53 -17.58
C TYR A 304 -7.88 6.19 -16.55
N ASN A 305 -9.10 6.44 -17.01
CA ASN A 305 -10.23 6.68 -16.15
C ASN A 305 -11.26 5.59 -16.35
N PHE A 306 -11.95 5.32 -15.25
CA PHE A 306 -13.16 4.53 -15.28
C PHE A 306 -14.26 5.37 -14.60
N ARG A 307 -15.12 5.96 -15.43
CA ARG A 307 -16.22 6.86 -15.00
C ARG A 307 -17.45 6.71 -15.89
N GLY A 308 -18.65 6.70 -15.30
CA GLY A 308 -19.85 6.49 -16.08
C GLY A 308 -19.77 5.21 -16.88
N GLY A 309 -19.31 4.12 -16.25
CA GLY A 309 -19.38 2.79 -16.83
C GLY A 309 -18.37 2.53 -17.93
N LYS A 310 -17.57 3.53 -18.27
CA LYS A 310 -16.64 3.49 -19.42
C LYS A 310 -15.21 3.62 -18.96
N LEU A 311 -14.32 2.88 -19.61
CA LEU A 311 -12.89 2.97 -19.38
C LEU A 311 -12.33 3.81 -20.52
N THR A 312 -11.69 4.92 -20.19
CA THR A 312 -11.12 5.78 -21.21
C THR A 312 -9.61 5.94 -21.02
N LYS A 313 -8.86 5.76 -22.10
CA LYS A 313 -7.43 5.95 -22.07
C LYS A 313 -7.09 7.45 -22.06
N LEU A 314 -6.24 7.83 -21.11
CA LEU A 314 -5.89 9.23 -20.94
C LEU A 314 -4.62 9.55 -21.69
N TRP A 315 -3.60 8.73 -21.52
CA TRP A 315 -2.34 8.97 -22.20
C TRP A 315 -1.39 7.80 -22.10
N THR A 316 -0.27 7.94 -22.81
CA THR A 316 0.71 6.87 -22.88
C THR A 316 2.09 7.53 -22.86
N PHE A 317 2.94 7.00 -21.98
CA PHE A 317 4.36 7.34 -21.96
C PHE A 317 5.11 6.07 -22.28
N ASP A 318 5.93 6.15 -23.32
CA ASP A 318 6.67 4.98 -23.86
C ASP A 318 8.13 5.37 -24.05
N SER A 319 9.07 4.72 -23.38
CA SER A 319 10.49 5.13 -23.45
C SER A 319 11.12 4.90 -24.85
N ASP A 320 10.52 3.97 -25.64
CA ASP A 320 10.90 3.72 -27.03
C ASP A 320 10.56 4.93 -27.92
N ALA A 321 9.57 5.72 -27.50
CA ALA A 321 9.17 6.88 -28.28
C ALA A 321 10.33 7.86 -28.36
N PRO A 322 10.34 8.72 -29.39
CA PRO A 322 11.47 9.64 -29.64
C PRO A 322 11.63 10.60 -28.47
N GLY A 323 12.86 10.82 -28.05
CA GLY A 323 13.12 11.72 -26.94
C GLY A 323 12.97 11.09 -25.57
N ASN A 324 12.32 9.93 -25.48
CA ASN A 324 12.08 9.32 -24.16
C ASN A 324 13.09 8.24 -23.71
N GLY A 325 14.18 8.04 -24.47
CA GLY A 325 15.15 6.95 -24.25
C GLY A 325 15.95 7.03 -22.95
N ALA A 326 16.11 8.23 -22.41
CA ALA A 326 16.75 8.32 -21.11
C ALA A 326 15.90 7.66 -20.01
N TYR A 327 14.60 7.51 -20.27
CA TYR A 327 13.67 7.07 -19.21
C TYR A 327 13.63 5.57 -19.02
N ALA A 328 14.33 4.83 -19.89
CA ALA A 328 14.41 3.37 -19.80
C ALA A 328 15.41 2.95 -18.70
N GLY A 329 15.23 1.76 -18.14
CA GLY A 329 16.19 1.25 -17.15
C GLY A 329 16.14 1.94 -15.77
N GLN A 330 15.12 2.73 -15.47
CA GLN A 330 15.12 3.51 -14.22
C GLN A 330 14.11 2.99 -13.22
N GLY A 331 13.09 2.30 -13.70
CA GLY A 331 12.01 1.86 -12.84
C GLY A 331 12.45 0.88 -11.74
N ASN A 332 11.78 0.97 -10.60
CA ASN A 332 11.96 0.03 -9.50
C ASN A 332 10.95 -1.13 -9.57
N HIS A 333 11.02 -2.05 -8.60
CA HIS A 333 10.02 -3.11 -8.42
C HIS A 333 8.83 -2.53 -7.63
N SER A 334 8.73 -1.21 -7.61
CA SER A 334 7.54 -0.54 -7.10
C SER A 334 7.47 0.87 -7.70
N LEU A 335 6.41 1.61 -7.40
CA LEU A 335 6.34 3.02 -7.75
C LEU A 335 5.76 3.82 -6.59
N SER A 336 5.91 5.15 -6.70
CA SER A 336 5.30 6.11 -5.78
C SER A 336 4.41 7.11 -6.56
N VAL A 337 3.45 7.71 -5.86
CA VAL A 337 2.53 8.65 -6.48
C VAL A 337 2.30 9.88 -5.61
N ALA A 338 2.52 11.08 -6.17
CA ALA A 338 2.42 12.28 -5.35
C ALA A 338 2.51 13.55 -6.17
N ASP A 339 1.80 14.57 -5.75
CA ASP A 339 1.98 15.87 -6.36
C ASP A 339 3.35 16.39 -5.94
N VAL A 340 4.35 16.35 -6.82
CA VAL A 340 5.72 16.76 -6.45
C VAL A 340 5.99 18.22 -6.85
N ASP A 341 5.21 18.75 -7.79
CA ASP A 341 5.53 20.06 -8.39
C ASP A 341 4.61 21.21 -8.00
N GLY A 342 3.67 20.96 -7.09
CA GLY A 342 2.79 22.01 -6.59
C GLY A 342 1.47 22.24 -7.33
N ASP A 343 1.26 21.65 -8.51
CA ASP A 343 0.04 21.91 -9.28
C ASP A 343 -1.25 21.19 -8.83
N GLY A 344 -1.20 20.47 -7.71
CA GLY A 344 -2.39 19.80 -7.17
C GLY A 344 -2.67 18.45 -7.82
N LYS A 345 -1.95 18.15 -8.89
CA LYS A 345 -2.10 16.91 -9.66
C LYS A 345 -0.99 15.89 -9.39
N ASP A 346 -1.27 14.61 -9.54
CA ASP A 346 -0.30 13.56 -9.15
C ASP A 346 0.64 13.24 -10.29
N GLU A 347 1.92 13.17 -9.96
CA GLU A 347 2.94 12.72 -10.86
C GLU A 347 3.26 11.26 -10.47
N ILE A 348 3.84 10.50 -11.38
CA ILE A 348 4.25 9.12 -11.10
C ILE A 348 5.77 9.03 -10.92
N ILE A 349 6.21 8.64 -9.73
CA ILE A 349 7.63 8.47 -9.45
C ILE A 349 7.98 6.99 -9.63
N TYR A 350 8.36 6.70 -10.87
CA TYR A 350 8.67 5.38 -11.33
C TYR A 350 10.12 5.06 -11.00
N GLY A 351 10.36 4.74 -9.73
CA GLY A 351 11.72 4.53 -9.25
C GLY A 351 12.59 5.75 -9.51
N ALA A 352 13.64 5.57 -10.34
CA ALA A 352 14.66 6.58 -10.60
C ALA A 352 14.34 7.54 -11.75
N MET A 353 13.05 7.57 -12.15
CA MET A 353 12.49 8.49 -13.15
C MET A 353 11.14 8.97 -12.64
N ALA A 354 10.66 10.07 -13.20
CA ALA A 354 9.31 10.54 -12.94
C ALA A 354 8.57 10.90 -14.23
N VAL A 355 7.27 10.59 -14.29
CA VAL A 355 6.37 11.04 -15.34
C VAL A 355 5.39 12.09 -14.78
N ASP A 356 5.22 13.20 -15.51
CA ASP A 356 4.25 14.22 -15.12
C ASP A 356 2.80 13.74 -15.37
N HIS A 357 1.84 14.51 -14.88
CA HIS A 357 0.43 14.08 -14.77
C HIS A 357 -0.25 13.92 -16.12
N ASP A 358 0.36 14.48 -17.16
CA ASP A 358 -0.16 14.47 -18.55
C ASP A 358 0.48 13.39 -19.45
N GLY A 359 1.41 12.62 -18.89
CA GLY A 359 2.04 11.54 -19.64
C GLY A 359 3.44 11.88 -20.11
N LYS A 360 3.88 13.10 -19.84
CA LYS A 360 5.18 13.56 -20.32
C LYS A 360 6.31 13.27 -19.34
N GLY A 361 7.48 12.94 -19.85
CA GLY A 361 8.65 12.83 -18.99
C GLY A 361 8.82 14.08 -18.12
N LEU A 362 9.05 13.86 -16.84
CA LEU A 362 9.40 14.92 -15.90
C LEU A 362 10.92 14.98 -15.79
N TYR A 363 11.53 13.85 -15.46
CA TYR A 363 12.99 13.69 -15.39
C TYR A 363 13.38 12.22 -15.34
N SER A 364 14.61 11.94 -15.75
CA SER A 364 15.21 10.63 -15.54
C SER A 364 16.59 10.87 -14.94
N THR A 365 16.87 10.23 -13.81
CA THR A 365 18.09 10.54 -13.10
C THR A 365 19.25 9.83 -13.76
N GLY A 366 18.94 8.75 -14.49
CA GLY A 366 19.98 7.91 -15.06
C GLY A 366 20.68 7.04 -14.03
N TRP A 367 20.21 7.02 -12.78
CA TRP A 367 20.84 6.19 -11.73
C TRP A 367 20.38 4.73 -11.74
N GLY A 368 19.33 4.44 -12.47
CA GLY A 368 18.96 3.06 -12.70
C GLY A 368 18.04 2.44 -11.67
N HIS A 369 17.39 1.36 -12.09
CA HIS A 369 16.53 0.49 -11.29
C HIS A 369 17.05 0.26 -9.89
N GLY A 370 16.12 0.25 -8.92
CA GLY A 370 16.45 -0.07 -7.54
C GLY A 370 15.40 -0.98 -6.95
N ASP A 371 15.63 -1.54 -5.77
CA ASP A 371 14.69 -2.52 -5.18
C ASP A 371 13.88 -1.93 -4.01
N ALA A 372 14.11 -0.65 -3.73
CA ALA A 372 13.33 0.08 -2.74
C ALA A 372 13.35 1.59 -3.00
N MET A 373 12.33 2.25 -2.46
CA MET A 373 12.16 3.71 -2.63
C MET A 373 11.21 4.27 -1.56
N HIS A 374 11.39 5.54 -1.25
CA HIS A 374 10.52 6.21 -0.29
C HIS A 374 10.30 7.66 -0.72
N THR A 375 9.05 7.98 -1.05
CA THR A 375 8.63 9.31 -1.46
C THR A 375 7.75 10.03 -0.42
N GLY A 376 8.28 11.09 0.19
CA GLY A 376 7.52 11.88 1.15
C GLY A 376 8.25 13.16 1.54
N ASN A 377 7.82 13.80 2.62
CA ASN A 377 8.50 15.00 3.10
C ASN A 377 9.52 14.55 4.13
N LEU A 378 10.68 14.14 3.64
CA LEU A 378 11.68 13.50 4.48
C LEU A 378 12.46 14.55 5.25
N ASP A 379 12.76 15.65 4.57
CA ASP A 379 13.38 16.80 5.20
C ASP A 379 12.34 17.92 5.32
N PRO A 380 11.73 18.07 6.50
CA PRO A 380 10.66 19.07 6.57
C PRO A 380 11.17 20.52 6.38
N SER A 381 12.48 20.73 6.35
CA SER A 381 13.06 22.09 6.18
C SER A 381 13.12 22.47 4.72
N ARG A 382 13.07 21.47 3.85
CA ARG A 382 12.90 21.71 2.42
C ARG A 382 11.43 21.76 2.13
N PRO A 383 10.98 22.84 1.50
CA PRO A 383 9.61 22.73 1.02
C PRO A 383 9.59 21.67 -0.10
N GLY A 384 8.46 20.97 -0.22
CA GLY A 384 8.36 19.96 -1.27
C GLY A 384 8.87 18.60 -0.78
N LEU A 385 8.77 17.59 -1.63
CA LEU A 385 9.04 16.21 -1.23
C LEU A 385 10.43 15.81 -1.71
N GLU A 386 10.90 14.74 -1.08
CA GLU A 386 12.20 14.17 -1.38
C GLU A 386 11.97 12.72 -1.76
N VAL A 387 12.89 12.13 -2.52
CA VAL A 387 12.84 10.72 -2.76
C VAL A 387 14.15 10.10 -2.32
N PHE A 388 14.08 9.24 -1.31
CA PHE A 388 15.22 8.42 -0.95
C PHE A 388 15.11 7.03 -1.58
N GLN A 389 16.11 6.61 -2.35
CA GLN A 389 16.08 5.25 -2.90
C GLN A 389 17.48 4.63 -3.02
N VAL A 390 17.50 3.37 -3.43
CA VAL A 390 18.73 2.61 -3.60
C VAL A 390 18.74 2.13 -5.05
N HIS A 391 19.87 1.55 -5.47
CA HIS A 391 20.13 1.30 -6.88
C HIS A 391 20.95 0.03 -7.04
N GLU A 392 20.56 -0.77 -8.04
CA GLU A 392 21.15 -2.09 -8.33
C GLU A 392 22.48 -1.94 -9.06
N ASN A 393 22.63 -0.88 -9.83
CA ASN A 393 23.78 -0.73 -10.72
C ASN A 393 25.05 -0.39 -9.93
N SER A 394 26.02 -1.30 -9.94
CA SER A 394 27.29 -1.11 -9.24
C SER A 394 28.06 0.03 -9.90
N ASN A 395 27.69 0.32 -11.15
CA ASN A 395 28.29 1.40 -11.92
C ASN A 395 27.45 2.67 -11.85
N SER A 396 26.59 2.75 -10.84
CA SER A 396 25.85 3.97 -10.57
C SER A 396 26.70 4.87 -9.69
N PRO A 397 26.55 6.19 -9.85
CA PRO A 397 27.30 7.10 -8.98
C PRO A 397 26.86 6.98 -7.55
N TYR A 398 25.61 6.57 -7.37
CA TYR A 398 25.01 6.39 -6.05
C TYR A 398 24.39 5.03 -5.86
N GLY A 399 24.62 4.46 -4.68
CA GLY A 399 23.99 3.23 -4.27
C GLY A 399 22.79 3.56 -3.40
N LEU A 400 22.85 4.74 -2.78
CA LEU A 400 21.70 5.38 -2.17
C LEU A 400 21.71 6.82 -2.54
N SER A 401 20.52 7.34 -2.81
CA SER A 401 20.37 8.72 -3.20
C SER A 401 19.15 9.35 -2.52
N PHE A 402 19.37 10.60 -2.12
CA PHE A 402 18.40 11.45 -1.43
C PHE A 402 18.28 12.66 -2.35
N ARG A 403 17.16 12.79 -3.06
CA ARG A 403 17.05 13.78 -4.13
C ARG A 403 15.75 14.59 -4.01
N ASP A 404 15.71 15.67 -4.78
CA ASP A 404 14.54 16.50 -4.90
C ASP A 404 13.53 15.78 -5.77
N ALA A 405 12.30 15.64 -5.29
CA ALA A 405 11.28 14.77 -5.92
C ALA A 405 10.72 15.41 -7.16
N LYS A 406 10.83 16.75 -7.21
CA LYS A 406 10.25 17.57 -8.27
C LYS A 406 11.20 17.70 -9.46
N THR A 407 12.48 18.00 -9.19
CA THR A 407 13.48 18.17 -10.25
C THR A 407 14.31 16.91 -10.50
N GLY A 408 14.44 16.07 -9.46
CA GLY A 408 15.22 14.85 -9.56
C GLY A 408 16.67 15.09 -9.24
N LYS A 409 17.04 16.36 -9.02
CA LYS A 409 18.42 16.68 -8.70
C LYS A 409 18.78 16.09 -7.33
N ILE A 410 19.99 15.55 -7.22
CA ILE A 410 20.48 15.03 -5.95
C ILE A 410 20.62 16.13 -4.93
N ILE A 411 20.38 15.75 -3.69
CA ILE A 411 20.58 16.63 -2.56
C ILE A 411 21.84 16.08 -1.86
N TRP A 412 21.83 14.78 -1.63
CA TRP A 412 23.03 14.07 -1.22
C TRP A 412 22.87 12.59 -1.60
N GLY A 413 23.99 11.89 -1.67
CA GLY A 413 23.97 10.53 -2.16
C GLY A 413 25.26 9.87 -1.79
N VAL A 414 25.32 8.55 -1.90
CA VAL A 414 26.48 7.82 -1.43
C VAL A 414 26.83 6.76 -2.41
N HIS A 415 28.00 6.95 -3.01
CA HIS A 415 28.56 5.97 -3.89
C HIS A 415 28.85 4.70 -3.09
N ALA A 416 28.21 3.63 -3.51
CA ALA A 416 28.62 2.28 -3.22
C ALA A 416 28.98 1.84 -4.61
N GLY A 417 29.87 0.89 -4.76
CA GLY A 417 30.23 0.41 -6.08
C GLY A 417 29.59 -0.96 -6.19
N LYS A 418 28.34 -1.05 -5.77
CA LYS A 418 27.68 -2.33 -5.66
C LYS A 418 26.16 -2.19 -5.59
N ASP A 419 25.49 -3.32 -5.79
CA ASP A 419 24.05 -3.46 -5.68
C ASP A 419 23.75 -3.13 -4.24
N VAL A 420 22.77 -2.25 -4.02
CA VAL A 420 22.25 -2.01 -2.66
C VAL A 420 20.76 -2.31 -2.74
N GLY A 421 20.38 -3.45 -2.18
CA GLY A 421 19.08 -4.00 -2.44
C GLY A 421 17.99 -3.64 -1.44
N ARG A 422 18.33 -2.89 -0.41
CA ARG A 422 17.36 -2.43 0.61
C ARG A 422 17.75 -1.05 1.00
N GLY A 423 16.78 -0.27 1.48
CA GLY A 423 16.97 1.09 1.96
C GLY A 423 15.67 1.54 2.64
N MET A 424 15.77 2.31 3.73
CA MET A 424 14.59 2.75 4.50
C MET A 424 14.64 4.23 4.85
N ALA A 425 13.45 4.76 5.14
CA ALA A 425 13.29 6.15 5.55
C ALA A 425 12.30 6.25 6.68
N ALA A 426 12.70 6.87 7.80
CA ALA A 426 11.78 7.10 8.90
C ALA A 426 12.42 7.96 9.98
N ASP A 427 11.59 8.69 10.70
CA ASP A 427 12.03 9.39 11.89
C ASP A 427 12.17 8.37 13.03
N ILE A 428 13.41 7.96 13.27
CA ILE A 428 13.70 7.03 14.37
C ILE A 428 14.61 7.73 15.38
N ASP A 429 15.09 8.91 15.03
CA ASP A 429 16.00 9.69 15.88
C ASP A 429 15.45 11.09 16.07
N PRO A 430 14.99 11.42 17.30
CA PRO A 430 14.42 12.75 17.55
C PRO A 430 15.50 13.83 17.66
N ARG A 431 16.77 13.45 17.81
CA ARG A 431 17.83 14.45 17.85
C ARG A 431 17.94 15.25 16.53
N TYR A 432 17.37 14.72 15.44
CA TYR A 432 17.52 15.36 14.12
C TYR A 432 16.19 15.48 13.48
N GLU A 433 15.75 16.71 13.27
CA GLU A 433 14.41 16.96 12.72
C GLU A 433 14.33 16.36 11.32
N GLY A 434 13.28 15.59 11.07
CA GLY A 434 13.11 14.96 9.79
C GLY A 434 13.31 13.48 9.91
N ALA A 435 13.26 12.79 8.78
CA ALA A 435 13.30 11.35 8.79
C ALA A 435 14.75 10.94 8.65
N GLU A 436 15.22 9.96 9.41
CA GLU A 436 16.52 9.36 9.15
C GLU A 436 16.41 8.36 7.98
N VAL A 437 17.52 8.02 7.33
CA VAL A 437 17.50 7.00 6.29
C VAL A 437 18.61 5.99 6.52
N TRP A 438 18.48 4.79 5.96
CA TRP A 438 19.56 3.81 6.12
C TRP A 438 19.66 2.76 5.01
N ALA A 439 20.86 2.28 4.74
CA ALA A 439 21.08 1.27 3.69
C ALA A 439 22.54 0.86 3.69
N ASN A 440 22.84 -0.37 3.24
CA ASN A 440 24.25 -0.78 3.05
C ASN A 440 25.13 -0.42 4.28
N GLY A 441 24.70 -0.79 5.47
CA GLY A 441 25.55 -0.73 6.64
C GLY A 441 25.55 0.57 7.42
N SER A 442 24.81 1.56 6.93
CA SER A 442 24.87 2.86 7.58
C SER A 442 23.54 3.57 7.76
N LEU A 443 23.52 4.43 8.77
CA LEU A 443 22.37 5.22 9.12
C LEU A 443 22.73 6.71 8.93
N TYR A 444 21.85 7.50 8.30
CA TYR A 444 22.18 8.90 8.01
C TYR A 444 21.05 9.85 8.45
N THR A 445 21.39 11.11 8.72
CA THR A 445 20.36 12.13 8.89
C THR A 445 19.75 12.44 7.51
N ALA A 446 18.65 13.16 7.50
CA ALA A 446 18.09 13.61 6.26
C ALA A 446 19.09 14.52 5.47
N LYS A 447 20.17 14.97 6.12
CA LYS A 447 21.13 15.88 5.47
C LYS A 447 22.29 15.12 4.85
N GLY A 448 22.43 13.86 5.22
CA GLY A 448 23.45 13.01 4.64
C GLY A 448 24.59 12.68 5.60
N VAL A 449 24.48 13.13 6.85
CA VAL A 449 25.53 12.85 7.86
C VAL A 449 25.38 11.44 8.48
N LYS A 450 26.48 10.70 8.60
CA LYS A 450 26.39 9.35 9.14
C LYS A 450 26.28 9.34 10.67
N ILE A 451 25.16 8.83 11.16
CA ILE A 451 24.93 8.61 12.58
C ILE A 451 25.57 7.30 13.06
N GLY A 452 26.27 7.36 14.19
CA GLY A 452 26.92 6.18 14.76
C GLY A 452 27.64 5.29 13.77
N ASN A 453 27.48 3.97 13.92
CA ASN A 453 28.16 2.97 13.11
C ASN A 453 27.26 1.76 12.79
N THR A 454 26.15 1.63 13.50
CA THR A 454 25.21 0.51 13.30
C THR A 454 23.95 1.03 12.63
N LEU A 455 22.92 0.19 12.62
CA LEU A 455 21.68 0.56 12.00
C LEU A 455 20.61 -0.40 12.45
N PRO A 456 19.34 -0.01 12.25
CA PRO A 456 18.23 -0.87 12.72
C PRO A 456 18.33 -2.29 12.15
N SER A 457 17.86 -3.27 12.91
CA SER A 457 17.97 -4.70 12.54
C SER A 457 17.11 -5.13 11.32
N SER A 458 16.26 -4.25 10.79
CA SER A 458 15.58 -4.52 9.52
C SER A 458 15.62 -3.29 8.64
N THR A 459 15.50 -3.52 7.33
CA THR A 459 15.44 -2.44 6.34
C THR A 459 14.33 -2.76 5.32
N ASN A 460 13.09 -2.60 5.78
CA ASN A 460 11.94 -3.15 5.10
C ASN A 460 10.78 -2.15 5.18
N PHE A 461 9.97 -2.23 6.24
CA PHE A 461 8.83 -1.34 6.49
C PHE A 461 9.06 -0.45 7.73
N GLY A 462 8.43 0.72 7.72
CA GLY A 462 8.33 1.56 8.90
C GLY A 462 6.84 1.61 9.18
N ILE A 463 6.49 1.62 10.46
CA ILE A 463 5.08 1.64 10.91
C ILE A 463 4.89 2.51 12.17
N TRP A 464 3.87 3.35 12.17
CA TRP A 464 3.53 4.15 13.33
C TRP A 464 2.68 3.28 14.25
N TRP A 465 3.31 2.86 15.36
CA TRP A 465 2.72 1.84 16.24
C TRP A 465 2.54 2.29 17.69
N ASP A 466 3.62 2.74 18.38
CA ASP A 466 3.43 3.23 19.76
C ASP A 466 2.90 4.66 19.76
N GLY A 467 2.98 5.35 20.89
CA GLY A 467 2.30 6.63 21.01
C GLY A 467 3.15 7.83 20.64
N ASP A 468 4.43 7.60 20.34
CA ASP A 468 5.32 8.74 20.00
C ASP A 468 5.40 9.00 18.48
N LEU A 469 6.07 10.10 18.11
CA LEU A 469 6.00 10.60 16.74
C LEU A 469 7.08 10.03 15.88
N GLN A 470 8.02 9.31 16.49
CA GLN A 470 8.95 8.54 15.69
C GLN A 470 8.16 7.41 15.04
N ARG A 471 8.72 6.81 14.02
CA ARG A 471 8.11 5.66 13.41
C ARG A 471 8.87 4.45 13.89
N GLU A 472 8.14 3.35 14.01
CA GLU A 472 8.70 2.09 14.44
C GLU A 472 8.96 1.22 13.20
N LEU A 473 9.44 -0.01 13.40
CA LEU A 473 9.97 -0.85 12.33
C LEU A 473 9.16 -2.13 12.20
N LEU A 474 9.01 -2.64 10.98
CA LEU A 474 8.22 -3.83 10.76
C LEU A 474 8.90 -4.78 9.80
N ASP A 475 9.08 -6.02 10.24
CA ASP A 475 9.75 -7.01 9.44
C ASP A 475 9.29 -8.36 9.96
N SER A 476 9.08 -9.31 9.05
CA SER A 476 8.54 -10.59 9.44
C SER A 476 7.29 -10.38 10.32
N ASN A 477 7.23 -11.08 11.46
CA ASN A 477 6.05 -10.94 12.31
C ASN A 477 6.42 -10.09 13.51
N ARG A 478 7.27 -9.11 13.26
CA ARG A 478 7.73 -8.23 14.32
C ARG A 478 7.40 -6.76 14.08
N ILE A 479 7.09 -6.10 15.19
CA ILE A 479 7.21 -4.66 15.25
C ILE A 479 8.33 -4.39 16.25
N ASP A 480 9.23 -3.52 15.84
CA ASP A 480 10.41 -3.21 16.61
C ASP A 480 10.55 -1.72 16.78
N LYS A 481 11.47 -1.35 17.68
CA LYS A 481 11.76 0.03 18.00
C LYS A 481 13.26 0.29 17.99
N TRP A 482 13.64 1.38 17.33
CA TRP A 482 15.00 1.86 17.40
C TRP A 482 15.19 2.57 18.71
N ASP A 483 16.10 2.04 19.52
CA ASP A 483 16.56 2.72 20.72
C ASP A 483 17.74 3.59 20.29
N TYR A 484 17.47 4.85 19.98
CA TYR A 484 18.47 5.71 19.37
C TYR A 484 19.59 6.07 20.36
N GLN A 485 19.29 6.02 21.66
CA GLN A 485 20.35 6.29 22.66
C GLN A 485 21.41 5.20 22.72
N ASN A 486 20.99 3.94 22.62
CA ASN A 486 21.92 2.81 22.74
C ASN A 486 22.30 2.16 21.40
N SER A 487 21.71 2.65 20.31
CA SER A 487 21.98 2.13 18.97
C SER A 487 21.70 0.63 18.93
N ARG A 488 20.47 0.26 19.26
CA ARG A 488 20.06 -1.15 19.25
C ARG A 488 18.58 -1.22 18.84
N THR A 489 18.16 -2.39 18.38
CA THR A 489 16.76 -2.59 18.03
C THR A 489 16.14 -3.43 19.13
N VAL A 490 15.11 -2.92 19.81
CA VAL A 490 14.36 -3.74 20.74
C VAL A 490 12.99 -4.08 20.18
N ASN A 491 12.45 -5.22 20.59
CA ASN A 491 11.14 -5.70 20.15
C ASN A 491 9.97 -5.16 20.99
N LEU A 492 8.91 -4.71 20.32
CA LEU A 492 7.69 -4.24 20.96
C LEU A 492 6.57 -5.25 20.79
N LEU A 493 6.64 -6.04 19.71
CA LEU A 493 5.61 -7.04 19.45
C LEU A 493 6.11 -8.10 18.50
N THR A 494 5.84 -9.36 18.87
CA THR A 494 6.08 -10.54 18.04
C THR A 494 4.74 -11.28 17.93
N ALA A 495 4.13 -11.22 16.75
CA ALA A 495 2.80 -11.80 16.56
C ALA A 495 2.94 -13.31 16.41
N SER A 496 3.01 -14.01 17.54
CA SER A 496 3.32 -15.43 17.48
C SER A 496 2.14 -16.21 16.84
N GLY A 497 2.43 -17.12 15.93
CA GLY A 497 1.38 -17.82 15.20
C GLY A 497 1.11 -17.18 13.87
N ALA A 498 1.48 -15.91 13.75
CA ALA A 498 1.32 -15.18 12.52
C ALA A 498 2.63 -15.23 11.77
N SER A 499 2.53 -14.97 10.48
CA SER A 499 3.65 -15.04 9.58
C SER A 499 3.55 -13.95 8.46
N ALA A 500 4.72 -13.44 8.06
CA ALA A 500 4.84 -12.54 6.90
C ALA A 500 4.87 -13.36 5.62
N ASN A 501 5.08 -12.69 4.48
CA ASN A 501 4.98 -13.37 3.19
C ASN A 501 6.26 -13.23 2.40
N ASN A 502 6.45 -14.18 1.47
CA ASN A 502 7.45 -14.11 0.39
C ASN A 502 8.91 -14.23 0.87
N GLY A 503 9.09 -15.01 1.94
CA GLY A 503 10.40 -15.41 2.39
C GLY A 503 11.22 -14.24 2.86
N THR A 504 12.22 -13.85 2.06
CA THR A 504 13.16 -12.77 2.39
C THR A 504 12.58 -11.35 2.34
N LYS A 505 11.54 -11.17 1.53
CA LYS A 505 10.82 -9.91 1.54
C LYS A 505 10.12 -9.72 2.89
N ALA A 506 9.55 -10.79 3.42
CA ALA A 506 9.00 -10.78 4.77
C ALA A 506 8.02 -9.62 5.03
N THR A 507 7.07 -9.44 4.11
CA THR A 507 6.09 -8.37 4.19
C THR A 507 4.79 -8.86 4.76
N PRO A 508 4.04 -7.94 5.37
CA PRO A 508 2.70 -8.32 5.82
C PRO A 508 1.69 -8.31 4.64
N SER A 509 0.58 -9.01 4.77
CA SER A 509 -0.49 -8.94 3.78
C SER A 509 -0.85 -7.47 3.54
N LEU A 510 -0.88 -6.69 4.62
CA LEU A 510 -1.12 -5.25 4.50
C LEU A 510 -0.72 -4.51 5.77
N GLN A 511 -0.14 -3.30 5.59
CA GLN A 511 -0.03 -2.33 6.68
C GLN A 511 -0.83 -1.05 6.32
N ALA A 512 -1.66 -0.56 7.24
CA ALA A 512 -2.57 0.52 6.91
C ALA A 512 -3.35 0.99 8.14
N ASP A 513 -3.54 2.30 8.29
CA ASP A 513 -4.49 2.82 9.28
C ASP A 513 -5.93 2.66 8.77
N ILE A 514 -6.59 1.54 9.04
CA ILE A 514 -7.94 1.02 8.74
C ILE A 514 -8.93 1.01 9.91
N LEU A 515 -8.43 1.22 11.14
CA LEU A 515 -9.26 1.22 12.35
C LEU A 515 -8.72 2.22 13.39
N GLY A 516 -9.64 2.83 14.13
CA GLY A 516 -9.30 3.73 15.20
C GLY A 516 -8.39 4.91 14.86
N ASP A 517 -7.59 5.23 15.86
CA ASP A 517 -6.45 6.15 15.86
C ASP A 517 -5.62 6.28 14.59
N TRP A 518 -4.84 7.35 14.47
CA TRP A 518 -3.92 7.50 13.33
C TRP A 518 -2.79 6.47 13.28
N ARG A 519 -2.57 5.70 14.33
CA ARG A 519 -1.53 4.65 14.28
C ARG A 519 -1.92 3.58 13.24
N GLU A 520 -0.94 2.84 12.73
CA GLU A 520 -1.20 1.92 11.63
C GLU A 520 -1.53 0.54 12.15
N GLU A 521 -2.48 -0.13 11.50
CA GLU A 521 -2.84 -1.51 11.83
C GLU A 521 -1.98 -2.46 10.98
N VAL A 522 -1.76 -3.68 11.44
CA VAL A 522 -0.99 -4.64 10.66
C VAL A 522 -1.88 -5.85 10.42
N VAL A 523 -1.92 -6.26 9.15
CA VAL A 523 -2.68 -7.42 8.73
C VAL A 523 -1.69 -8.49 8.35
N TRP A 524 -1.52 -9.45 9.28
CA TRP A 524 -0.73 -10.67 9.09
C TRP A 524 -1.65 -11.88 8.97
N ARG A 525 -1.24 -12.82 8.14
CA ARG A 525 -1.95 -14.09 8.06
C ARG A 525 -1.56 -14.99 9.22
N ALA A 526 -2.49 -15.83 9.67
CA ALA A 526 -2.06 -16.96 10.51
C ALA A 526 -1.16 -17.85 9.62
N GLU A 527 -0.24 -18.57 10.24
CA GLU A 527 0.72 -19.39 9.48
C GLU A 527 -0.02 -20.29 8.47
N ASP A 528 -1.17 -20.84 8.88
CA ASP A 528 -1.86 -21.83 8.04
C ASP A 528 -2.83 -21.16 7.07
N SER A 529 -2.91 -19.82 7.13
CA SER A 529 -3.80 -19.02 6.29
C SER A 529 -5.28 -19.34 6.54
N SER A 530 -5.61 -19.74 7.77
CA SER A 530 -7.00 -19.95 8.20
C SER A 530 -7.71 -18.62 8.51
N GLU A 531 -6.91 -17.61 8.86
CA GLU A 531 -7.42 -16.30 9.26
C GLU A 531 -6.41 -15.21 8.84
N LEU A 532 -6.91 -13.99 8.61
CA LEU A 532 -6.07 -12.81 8.67
C LEU A 532 -6.23 -12.24 10.04
N ARG A 533 -5.17 -11.66 10.58
CA ARG A 533 -5.22 -11.01 11.86
C ARG A 533 -4.99 -9.53 11.68
N ILE A 534 -5.94 -8.72 12.14
CA ILE A 534 -5.74 -7.27 12.14
C ILE A 534 -5.30 -6.75 13.52
N TYR A 535 -4.00 -6.49 13.68
CA TYR A 535 -3.44 -5.93 14.91
C TYR A 535 -3.56 -4.40 15.00
N THR A 536 -4.04 -3.92 16.14
CA THR A 536 -4.21 -2.50 16.39
C THR A 536 -3.56 -2.18 17.71
N THR A 537 -2.97 -0.98 17.83
CA THR A 537 -2.14 -0.69 18.98
C THR A 537 -3.00 -0.36 20.17
N THR A 538 -2.41 -0.50 21.35
CA THR A 538 -3.07 -0.18 22.61
C THR A 538 -2.21 0.82 23.39
N ASP A 539 -1.15 1.32 22.75
CA ASP A 539 -0.35 2.39 23.33
C ASP A 539 -1.13 3.70 23.35
N VAL A 540 -1.47 4.19 24.54
CA VAL A 540 -2.12 5.51 24.64
C VAL A 540 -1.21 6.61 24.07
N THR A 541 -1.75 7.43 23.20
CA THR A 541 -0.97 8.54 22.64
C THR A 541 -1.58 9.86 23.06
N GLU A 542 -0.73 10.88 23.10
CA GLU A 542 -1.20 12.25 23.31
C GLU A 542 -1.27 13.08 22.01
N HIS A 543 -1.11 12.41 20.86
CA HIS A 543 -1.15 13.09 19.56
C HIS A 543 -2.41 12.72 18.74
N ARG A 544 -2.88 13.69 17.97
CA ARG A 544 -4.11 13.54 17.20
C ARG A 544 -3.87 13.91 15.73
N MET A 545 -4.39 13.11 14.82
CA MET A 545 -4.25 13.44 13.41
C MET A 545 -5.42 12.93 12.63
N TYR A 546 -5.67 13.62 11.52
CA TYR A 546 -6.63 13.15 10.54
C TYR A 546 -6.25 11.75 10.11
N THR A 547 -7.26 10.88 10.00
CA THR A 547 -7.05 9.51 9.56
C THR A 547 -6.12 9.45 8.36
N LEU A 548 -5.17 8.54 8.40
CA LEU A 548 -4.16 8.50 7.39
C LEU A 548 -4.78 8.14 6.04
N MET A 549 -5.90 7.43 6.06
CA MET A 549 -6.58 7.11 4.80
C MET A 549 -7.25 8.34 4.21
N HIS A 550 -7.19 9.49 4.89
CA HIS A 550 -7.74 10.72 4.29
C HIS A 550 -6.60 11.67 3.84
N ASP A 551 -5.36 11.22 3.97
CA ASP A 551 -4.24 11.90 3.34
C ASP A 551 -3.95 11.34 1.91
N ALA A 552 -3.70 12.24 0.95
CA ALA A 552 -3.62 11.87 -0.45
C ALA A 552 -2.49 10.89 -0.76
N VAL A 553 -1.29 11.22 -0.30
CA VAL A 553 -0.14 10.38 -0.60
C VAL A 553 -0.23 9.00 0.08
N TYR A 554 -0.77 8.97 1.29
CA TYR A 554 -0.80 7.75 2.09
C TYR A 554 -1.84 6.80 1.50
N ARG A 555 -3.00 7.38 1.17
CA ARG A 555 -4.10 6.56 0.68
C ARG A 555 -3.70 5.85 -0.62
N LEU A 556 -2.93 6.56 -1.43
CA LEU A 556 -2.46 6.06 -2.69
C LEU A 556 -1.33 5.08 -2.41
N GLY A 557 -0.63 5.28 -1.29
CA GLY A 557 0.40 4.34 -0.89
C GLY A 557 -0.24 2.99 -0.55
N ILE A 558 -1.39 3.04 0.12
CA ILE A 558 -2.12 1.82 0.47
C ILE A 558 -2.57 1.16 -0.80
N ALA A 559 -2.99 1.97 -1.78
CA ALA A 559 -3.50 1.35 -3.01
C ALA A 559 -2.40 0.62 -3.82
N TRP A 560 -1.12 1.08 -3.77
CA TRP A 560 -0.04 0.34 -4.48
C TRP A 560 0.84 -0.56 -3.60
N GLN A 561 0.49 -0.76 -2.33
CA GLN A 561 1.35 -1.56 -1.43
C GLN A 561 1.61 -2.96 -2.00
N ASN A 562 0.56 -3.62 -2.51
CA ASN A 562 0.70 -5.00 -3.06
C ASN A 562 1.64 -5.03 -4.24
N VAL A 563 1.84 -3.87 -4.86
CA VAL A 563 2.48 -3.84 -6.15
C VAL A 563 3.93 -4.27 -6.07
N GLY A 564 4.32 -5.22 -6.93
CA GLY A 564 5.71 -5.63 -7.08
C GLY A 564 6.32 -6.02 -5.74
N TYR A 565 7.55 -5.60 -5.44
CA TYR A 565 8.08 -5.85 -4.10
C TYR A 565 7.58 -4.75 -3.17
N ASN A 566 6.53 -5.09 -2.41
CA ASN A 566 5.78 -4.18 -1.55
C ASN A 566 6.69 -3.23 -0.80
N GLN A 567 6.33 -1.94 -0.85
CA GLN A 567 7.01 -0.85 -0.11
C GLN A 567 6.02 -0.23 0.88
N PRO A 568 6.51 0.35 1.99
CA PRO A 568 5.64 0.95 3.02
C PRO A 568 5.08 2.33 2.62
N PRO A 569 3.94 2.73 3.20
CA PRO A 569 3.30 3.99 2.83
C PRO A 569 3.92 5.19 3.49
N HIS A 570 3.66 6.38 2.93
CA HIS A 570 4.11 7.64 3.50
C HIS A 570 3.00 8.68 3.45
N THR A 571 3.06 9.63 4.38
CA THR A 571 2.14 10.75 4.42
C THR A 571 2.65 11.89 3.53
N GLY A 572 1.72 12.69 3.01
CA GLY A 572 2.06 13.80 2.13
C GLY A 572 2.56 14.98 2.94
N PHE A 573 2.32 14.89 4.25
CA PHE A 573 2.81 15.86 5.20
C PHE A 573 3.92 15.23 6.02
N TYR A 574 4.73 16.08 6.66
CA TYR A 574 5.77 15.60 7.51
C TYR A 574 5.16 15.09 8.84
N LEU A 575 5.36 13.80 9.10
CA LEU A 575 4.92 13.16 10.34
C LEU A 575 6.16 12.72 11.12
N GLY A 576 6.40 13.42 12.22
CA GLY A 576 7.55 13.18 13.08
C GLY A 576 7.77 14.29 14.10
N GLU A 577 8.83 14.13 14.89
CA GLU A 577 9.21 15.11 15.92
C GLU A 577 9.31 16.51 15.32
N GLY A 578 8.62 17.46 15.91
CA GLY A 578 8.71 18.84 15.46
C GLY A 578 7.70 19.19 14.40
N MET A 579 6.88 18.24 13.97
CA MET A 579 5.88 18.54 12.96
C MET A 579 4.92 19.64 13.45
N GLN A 580 4.35 20.39 12.54
CA GLN A 580 3.30 21.32 12.90
C GLN A 580 2.01 20.54 13.13
N THR A 581 1.09 21.13 13.89
CA THR A 581 -0.23 20.53 14.08
C THR A 581 -0.85 20.47 12.69
N PRO A 582 -1.05 19.25 12.14
CA PRO A 582 -1.33 19.17 10.70
C PRO A 582 -2.73 19.69 10.39
N GLU A 583 -2.92 20.38 9.28
CA GLU A 583 -4.20 21.03 9.03
C GLU A 583 -5.21 20.13 8.26
N LYS A 584 -6.50 20.45 8.41
CA LYS A 584 -7.56 19.73 7.72
C LYS A 584 -7.25 19.56 6.23
N PRO A 585 -7.41 18.32 5.72
CA PRO A 585 -7.14 18.14 4.30
C PRO A 585 -8.30 18.62 3.45
N ASN A 586 -7.96 18.98 2.23
CA ASN A 586 -8.88 19.52 1.25
C ASN A 586 -9.51 18.38 0.48
N ILE A 587 -10.65 17.91 0.98
CA ILE A 587 -11.28 16.72 0.43
C ILE A 587 -12.78 16.86 0.50
N TYR A 588 -13.48 16.01 -0.27
CA TYR A 588 -14.94 15.82 -0.22
C TYR A 588 -15.34 14.33 -0.25
N THR A 589 -16.58 13.97 0.13
CA THR A 589 -16.96 12.53 0.22
C THR A 589 -18.26 12.06 -0.45
#